data_7F76
#
_entry.id   7F76
#
_cell.length_a   50.849
_cell.length_b   77.552
_cell.length_c   95.495
_cell.angle_alpha   90.000
_cell.angle_beta   90.000
_cell.angle_gamma   90.000
#
_symmetry.space_group_name_H-M   'P 2 21 21'
#
loop_
_entity.id
_entity.type
_entity.pdbx_description
1 polymer 'FMN-dependent NADPH-quinone reductase (azoR)'
2 non-polymer 'FLAVIN MONONUCLEOTIDE'
3 non-polymer 'ISOPROPYL ALCOHOL'
4 non-polymer GLYCEROL
5 water water
#
_entity_poly.entity_id   1
_entity_poly.type   'polypeptide(L)'
_entity_poly.pdbx_seq_one_letter_code
;MGSSHHHHHHSSGLVPRGSHMQLVVINGSPRKSGRTRILATFIEKEFNAKIIDLSEETLPLYNGEEYQGELEHVRALRDT
VKKADAVILTSPEYHSGMSGALKNALDFLSNEQFAHKPVGLIAVAGGGKGGINALTNMRTVGRGVYANVIPKQLVLDPHC
FDRENYTLTDDSKLLVKGVIDELKLYYKMHQYVEQK
;
_entity_poly.pdbx_strand_id   A,B
#
# COMPACT_ATOMS: atom_id res chain seq x y z
N MET A 21 -5.55 9.69 28.04
CA MET A 21 -5.91 9.41 26.57
C MET A 21 -4.67 9.66 25.69
N GLN A 22 -3.84 8.64 25.50
CA GLN A 22 -2.52 8.67 24.84
C GLN A 22 -2.76 8.54 23.33
N LEU A 23 -2.75 9.65 22.62
CA LEU A 23 -3.06 9.66 21.16
C LEU A 23 -1.77 9.59 20.34
N VAL A 24 -1.78 8.77 19.28
CA VAL A 24 -0.67 8.71 18.29
C VAL A 24 -1.27 9.10 16.93
N VAL A 25 -0.53 9.89 16.16
CA VAL A 25 -0.94 10.24 14.78
C VAL A 25 0.19 9.81 13.86
N ILE A 26 -0.12 9.04 12.83
CA ILE A 26 0.87 8.66 11.82
C ILE A 26 0.68 9.58 10.61
N ASN A 27 1.75 10.30 10.25
CA ASN A 27 1.80 11.08 9.00
C ASN A 27 2.14 10.14 7.85
N GLY A 28 1.13 9.74 7.06
CA GLY A 28 1.32 8.79 5.95
C GLY A 28 2.01 9.33 4.72
N SER A 29 2.17 10.66 4.58
CA SER A 29 2.88 11.16 3.36
C SER A 29 4.39 11.09 3.54
N PRO A 30 5.14 10.52 2.57
CA PRO A 30 6.60 10.50 2.61
C PRO A 30 7.20 11.83 2.14
N ARG A 31 6.37 12.74 1.65
CA ARG A 31 6.88 14.00 1.01
C ARG A 31 7.13 15.04 2.11
N LYS A 32 8.38 15.46 2.29
CA LYS A 32 8.71 16.45 3.33
C LYS A 32 7.88 17.71 3.15
N SER A 33 7.58 18.12 1.91
CA SER A 33 6.82 19.37 1.66
C SER A 33 5.32 19.12 1.46
N GLY A 34 4.86 17.91 1.70
CA GLY A 34 3.48 17.50 1.41
C GLY A 34 2.45 18.16 2.34
N ARG A 35 1.20 18.09 1.94
CA ARG A 35 0.06 18.63 2.70
C ARG A 35 -0.22 17.76 3.93
N THR A 36 -0.14 16.44 3.80
CA THR A 36 -0.59 15.58 4.93
C THR A 36 0.22 15.93 6.17
N ARG A 37 1.48 16.35 6.00
CA ARG A 37 2.33 16.70 7.16
C ARG A 37 1.69 17.88 7.93
N ILE A 38 1.06 18.85 7.24
CA ILE A 38 0.40 19.98 7.91
C ILE A 38 -0.67 19.41 8.82
N LEU A 39 -1.49 18.50 8.31
CA LEU A 39 -2.56 17.89 9.12
C LEU A 39 -1.97 17.13 10.32
N ALA A 40 -0.97 16.31 10.08
CA ALA A 40 -0.40 15.43 11.15
C ALA A 40 0.26 16.30 12.22
N THR A 41 0.95 17.38 11.83
CA THR A 41 1.61 18.28 12.82
C THR A 41 0.54 19.11 13.53
N PHE A 42 -0.59 19.44 12.90
CA PHE A 42 -1.73 20.10 13.56
C PHE A 42 -2.21 19.20 14.70
N ILE A 43 -2.39 17.91 14.42
CA ILE A 43 -2.99 17.02 15.41
C ILE A 43 -1.98 16.84 16.57
N GLU A 44 -0.72 16.71 16.22
CA GLU A 44 0.40 16.57 17.21
C GLU A 44 0.32 17.74 18.19
N LYS A 45 0.23 18.95 17.67
CA LYS A 45 0.30 20.18 18.52
C LYS A 45 -1.04 20.40 19.24
N GLU A 46 -2.15 20.43 18.52
CA GLU A 46 -3.47 20.79 19.11
C GLU A 46 -3.98 19.70 20.07
N PHE A 47 -3.72 18.42 19.82
CA PHE A 47 -4.35 17.32 20.63
C PHE A 47 -3.30 16.57 21.43
N ASN A 48 -2.08 17.12 21.57
CA ASN A 48 -1.02 16.50 22.40
C ASN A 48 -0.81 15.05 21.95
N ALA A 49 -0.72 14.83 20.64
CA ALA A 49 -0.51 13.50 20.06
C ALA A 49 0.97 13.29 19.83
N LYS A 50 1.43 12.05 19.97
CA LYS A 50 2.78 11.63 19.53
C LYS A 50 2.69 11.41 18.01
N ILE A 51 3.60 12.03 17.26
CA ILE A 51 3.64 11.87 15.80
C ILE A 51 4.58 10.75 15.42
N ILE A 52 4.18 9.95 14.42
CA ILE A 52 5.10 9.10 13.65
C ILE A 52 5.18 9.75 12.27
N ASP A 53 6.29 10.38 11.96
CA ASP A 53 6.37 11.24 10.75
C ASP A 53 7.12 10.48 9.67
N LEU A 54 6.40 9.84 8.73
CA LEU A 54 7.07 8.93 7.74
C LEU A 54 7.88 9.74 6.74
N SER A 55 7.75 11.06 6.71
CA SER A 55 8.58 11.90 5.79
C SER A 55 10.02 11.90 6.31
N GLU A 56 10.26 11.43 7.52
CA GLU A 56 11.65 11.37 8.06
C GLU A 56 12.42 10.18 7.48
N GLU A 57 11.77 9.17 6.92
CA GLU A 57 12.46 8.05 6.24
C GLU A 57 13.42 7.35 7.22
N THR A 58 13.02 7.25 8.47
CA THR A 58 13.82 6.49 9.47
C THR A 58 13.40 5.02 9.49
N LEU A 59 12.20 4.73 8.99
CA LEU A 59 11.76 3.31 8.84
C LEU A 59 12.18 2.85 7.46
N PRO A 60 12.83 1.67 7.34
CA PRO A 60 13.18 1.17 6.04
C PRO A 60 11.99 0.42 5.41
N LEU A 61 12.18 -0.02 4.19
CA LEU A 61 11.26 -0.97 3.54
C LEU A 61 11.22 -2.25 4.37
N TYR A 62 10.02 -2.70 4.71
CA TYR A 62 9.80 -4.04 5.35
C TYR A 62 10.37 -5.13 4.44
N ASN A 63 11.04 -6.13 5.02
CA ASN A 63 11.48 -7.29 4.24
C ASN A 63 11.31 -8.59 5.02
N GLY A 64 10.68 -8.52 6.19
CA GLY A 64 10.35 -9.71 6.99
C GLY A 64 11.57 -10.31 7.68
N GLU A 65 12.76 -9.74 7.52
CA GLU A 65 13.97 -10.37 8.12
C GLU A 65 14.04 -10.03 9.59
N GLU A 66 14.57 -10.97 10.36
CA GLU A 66 14.63 -10.85 11.84
C GLU A 66 15.38 -9.58 12.26
N TYR A 67 16.47 -9.18 11.62
CA TYR A 67 17.32 -8.03 12.04
C TYR A 67 16.47 -6.74 12.09
N GLN A 68 15.44 -6.61 11.25
CA GLN A 68 14.68 -5.35 11.27
C GLN A 68 14.00 -5.13 12.63
N GLY A 69 13.64 -6.19 13.34
CA GLY A 69 12.99 -6.08 14.66
C GLY A 69 13.93 -5.55 15.71
N GLU A 70 15.24 -5.51 15.43
CA GLU A 70 16.24 -4.92 16.37
C GLU A 70 16.54 -3.47 16.01
N LEU A 71 16.04 -2.95 14.88
CA LEU A 71 16.33 -1.55 14.51
C LEU A 71 15.62 -0.63 15.49
N GLU A 72 16.27 0.44 15.94
CA GLU A 72 15.69 1.37 16.93
C GLU A 72 14.32 1.89 16.45
N HIS A 73 14.23 2.26 15.19
CA HIS A 73 13.01 2.99 14.70
C HIS A 73 11.88 1.99 14.54
N VAL A 74 12.18 0.73 14.24
CA VAL A 74 11.15 -0.33 14.13
C VAL A 74 10.63 -0.63 15.54
N ARG A 75 11.55 -0.74 16.51
CA ARG A 75 11.15 -0.99 17.90
C ARG A 75 10.29 0.18 18.38
N ALA A 76 10.69 1.42 18.11
CA ALA A 76 9.98 2.66 18.51
C ALA A 76 8.59 2.65 17.88
N LEU A 77 8.51 2.32 16.59
CA LEU A 77 7.19 2.29 15.88
C LEU A 77 6.25 1.34 16.61
N ARG A 78 6.70 0.11 16.84
CA ARG A 78 5.88 -0.96 17.46
C ARG A 78 5.46 -0.54 18.87
N ASP A 79 6.41 -0.05 19.68
CA ASP A 79 6.15 0.35 21.07
C ASP A 79 5.19 1.54 21.10
N THR A 80 5.39 2.52 20.22
CA THR A 80 4.55 3.74 20.15
C THR A 80 3.10 3.35 19.82
N VAL A 81 2.90 2.51 18.82
CA VAL A 81 1.54 2.11 18.43
C VAL A 81 0.96 1.17 19.51
N LYS A 82 1.75 0.27 20.06
CA LYS A 82 1.21 -0.67 21.07
C LYS A 82 0.67 0.11 22.27
N LYS A 83 1.42 1.10 22.74
CA LYS A 83 1.05 1.85 23.97
C LYS A 83 -0.03 2.89 23.70
N ALA A 84 -0.32 3.24 22.45
CA ALA A 84 -1.32 4.25 22.15
C ALA A 84 -2.68 3.77 22.66
N ASP A 85 -3.46 4.67 23.24
CA ASP A 85 -4.88 4.38 23.59
C ASP A 85 -5.71 4.46 22.31
N ALA A 86 -5.28 5.28 21.35
CA ALA A 86 -6.04 5.54 20.10
C ALA A 86 -5.07 6.07 19.05
N VAL A 87 -5.37 5.81 17.78
CA VAL A 87 -4.44 6.15 16.67
C VAL A 87 -5.27 6.87 15.60
N ILE A 88 -4.77 8.01 15.14
CA ILE A 88 -5.22 8.58 13.87
C ILE A 88 -4.25 8.14 12.76
N LEU A 89 -4.76 7.46 11.73
CA LEU A 89 -3.99 7.22 10.51
C LEU A 89 -4.29 8.33 9.52
N THR A 90 -3.30 9.10 9.13
CA THR A 90 -3.42 10.09 8.04
C THR A 90 -2.72 9.47 6.84
N SER A 91 -3.27 9.65 5.64
CA SER A 91 -2.53 9.31 4.43
C SER A 91 -2.99 10.24 3.34
N PRO A 92 -2.09 10.57 2.43
CA PRO A 92 -2.52 11.11 1.15
C PRO A 92 -3.20 9.98 0.37
N GLU A 93 -4.08 10.31 -0.56
CA GLU A 93 -4.48 9.31 -1.58
C GLU A 93 -3.45 9.31 -2.71
N TYR A 94 -2.74 8.23 -2.87
CA TYR A 94 -1.80 8.04 -3.99
C TYR A 94 -2.37 6.94 -4.87
N HIS A 95 -2.76 7.27 -6.10
CA HIS A 95 -3.34 6.28 -7.03
C HIS A 95 -4.48 5.48 -6.38
N SER A 96 -5.44 6.13 -5.72
CA SER A 96 -6.66 5.45 -5.22
C SER A 96 -6.29 4.41 -4.15
N GLY A 97 -5.25 4.68 -3.38
CA GLY A 97 -4.93 3.87 -2.21
C GLY A 97 -4.17 4.69 -1.20
N MET A 98 -3.97 4.16 0.00
CA MET A 98 -3.10 4.81 0.98
C MET A 98 -1.70 4.86 0.37
N SER A 99 -0.82 5.69 0.91
CA SER A 99 0.57 5.74 0.42
C SER A 99 1.26 4.38 0.61
N GLY A 100 2.20 4.09 -0.28
CA GLY A 100 3.12 2.96 -0.04
C GLY A 100 3.90 3.16 1.28
N ALA A 101 4.23 4.39 1.64
CA ALA A 101 4.98 4.65 2.89
C ALA A 101 4.13 4.21 4.10
N LEU A 102 2.85 4.53 4.11
CA LEU A 102 2.00 4.15 5.25
C LEU A 102 1.85 2.64 5.23
N LYS A 103 1.58 2.05 4.07
CA LYS A 103 1.33 0.59 4.06
C LYS A 103 2.62 -0.11 4.50
N ASN A 104 3.77 0.34 4.03
CA ASN A 104 5.08 -0.21 4.49
C ASN A 104 5.16 -0.18 6.01
N ALA A 105 4.85 0.96 6.62
CA ALA A 105 4.90 1.10 8.09
C ALA A 105 3.93 0.10 8.76
N LEU A 106 2.71 -0.05 8.22
CA LEU A 106 1.73 -1.00 8.80
C LEU A 106 2.18 -2.44 8.63
N ASP A 107 2.97 -2.76 7.60
CA ASP A 107 3.47 -4.13 7.39
C ASP A 107 4.41 -4.56 8.53
N PHE A 108 4.95 -3.62 9.27
CA PHE A 108 5.74 -3.91 10.52
C PHE A 108 4.84 -4.22 11.69
N LEU A 109 3.56 -3.83 11.64
CA LEU A 109 2.65 -3.88 12.78
C LEU A 109 1.69 -5.04 12.59
N SER A 110 0.81 -5.25 13.55
CA SER A 110 -0.07 -6.43 13.59
C SER A 110 -1.18 -6.18 14.60
N ASN A 111 -2.00 -7.20 14.78
CA ASN A 111 -3.00 -7.21 15.88
C ASN A 111 -2.31 -7.07 17.24
N GLU A 112 -1.02 -7.40 17.36
CA GLU A 112 -0.28 -7.23 18.64
C GLU A 112 -0.34 -5.77 19.09
N GLN A 113 -0.26 -4.80 18.16
CA GLN A 113 -0.34 -3.37 18.51
C GLN A 113 -1.74 -2.79 18.28
N PHE A 114 -2.60 -3.41 17.48
CA PHE A 114 -3.87 -2.74 17.07
C PHE A 114 -5.13 -3.39 17.61
N ALA A 115 -5.11 -4.64 18.12
CA ALA A 115 -6.39 -5.37 18.36
C ALA A 115 -7.32 -4.51 19.23
N HIS A 116 -8.54 -4.26 18.76
CA HIS A 116 -9.62 -3.47 19.42
C HIS A 116 -9.20 -2.03 19.73
N LYS A 117 -8.10 -1.54 19.19
CA LYS A 117 -7.69 -0.14 19.43
C LYS A 117 -8.60 0.73 18.56
N PRO A 118 -9.17 1.81 19.12
CA PRO A 118 -9.88 2.79 18.32
C PRO A 118 -8.90 3.49 17.36
N VAL A 119 -9.34 3.58 16.11
CA VAL A 119 -8.55 4.15 15.01
C VAL A 119 -9.46 5.05 14.20
N GLY A 120 -9.03 6.28 14.01
CA GLY A 120 -9.70 7.25 13.14
C GLY A 120 -8.90 7.50 11.87
N LEU A 121 -9.60 7.59 10.74
CA LEU A 121 -8.98 7.75 9.39
C LEU A 121 -9.18 9.17 8.86
N ILE A 122 -8.09 9.78 8.39
CA ILE A 122 -8.16 11.06 7.64
C ILE A 122 -7.31 10.90 6.40
N ALA A 123 -7.92 11.10 5.24
CA ALA A 123 -7.20 11.09 3.96
C ALA A 123 -7.05 12.52 3.47
N VAL A 124 -5.97 12.75 2.77
CA VAL A 124 -5.72 14.05 2.11
C VAL A 124 -5.68 13.76 0.61
N ALA A 125 -6.48 14.53 -0.12
CA ALA A 125 -6.72 14.25 -1.53
C ALA A 125 -6.40 15.47 -2.39
N GLY A 126 -6.50 15.28 -3.69
CA GLY A 126 -6.11 16.32 -4.66
C GLY A 126 -7.29 17.14 -5.15
N GLY A 127 -8.46 16.98 -4.57
CA GLY A 127 -9.69 17.63 -5.03
C GLY A 127 -10.68 16.65 -5.62
N GLY A 128 -11.74 17.17 -6.26
CA GLY A 128 -12.79 16.32 -6.84
C GLY A 128 -13.28 15.27 -5.84
N LYS A 129 -13.30 14.01 -6.31
CA LYS A 129 -13.84 12.89 -5.52
C LYS A 129 -12.70 12.09 -4.91
N GLY A 130 -11.47 12.60 -4.94
CA GLY A 130 -10.34 11.88 -4.34
C GLY A 130 -10.52 11.67 -2.84
N GLY A 131 -9.96 10.56 -2.34
CA GLY A 131 -9.72 10.34 -0.92
C GLY A 131 -10.50 9.16 -0.38
N ILE A 132 -11.63 8.82 -1.01
CA ILE A 132 -12.51 7.73 -0.50
C ILE A 132 -11.83 6.40 -0.74
N ASN A 133 -11.12 6.23 -1.86
CA ASN A 133 -10.43 4.94 -2.13
C ASN A 133 -9.35 4.74 -1.07
N ALA A 134 -8.61 5.79 -0.75
CA ALA A 134 -7.62 5.73 0.34
C ALA A 134 -8.33 5.32 1.62
N LEU A 135 -9.41 5.98 1.99
CA LEU A 135 -10.13 5.68 3.27
C LEU A 135 -10.53 4.21 3.27
N THR A 136 -11.06 3.69 2.14
CA THR A 136 -11.54 2.31 2.04
C THR A 136 -10.36 1.37 2.29
N ASN A 137 -9.23 1.62 1.64
CA ASN A 137 -7.97 0.83 1.78
C ASN A 137 -7.54 0.84 3.26
N MET A 138 -7.56 2.01 3.88
CA MET A 138 -7.14 2.14 5.30
C MET A 138 -8.13 1.41 6.21
N ARG A 139 -9.44 1.43 5.92
CA ARG A 139 -10.43 0.76 6.78
C ARG A 139 -10.26 -0.75 6.64
N THR A 140 -10.02 -1.24 5.43
CA THR A 140 -9.90 -2.69 5.15
C THR A 140 -8.63 -3.20 5.81
N VAL A 141 -7.54 -2.49 5.66
CA VAL A 141 -6.25 -2.89 6.30
C VAL A 141 -6.38 -2.76 7.85
N GLY A 142 -6.99 -1.68 8.32
CA GLY A 142 -7.22 -1.49 9.76
C GLY A 142 -8.02 -2.62 10.40
N ARG A 143 -9.06 -3.11 9.74
CA ARG A 143 -9.79 -4.30 10.22
C ARG A 143 -8.89 -5.52 10.13
N GLY A 144 -7.99 -5.58 9.13
CA GLY A 144 -7.08 -6.72 8.94
C GLY A 144 -6.08 -6.81 10.10
N VAL A 145 -5.75 -5.71 10.78
CA VAL A 145 -4.95 -5.76 12.03
C VAL A 145 -5.83 -5.70 13.29
N TYR A 146 -7.14 -5.85 13.10
CA TYR A 146 -8.16 -6.01 14.14
C TYR A 146 -8.32 -4.74 14.97
N ALA A 147 -8.08 -3.59 14.37
CA ALA A 147 -8.41 -2.29 14.99
C ALA A 147 -9.91 -2.11 14.97
N ASN A 148 -10.39 -1.32 15.89
CA ASN A 148 -11.76 -0.79 15.84
C ASN A 148 -11.72 0.55 15.10
N VAL A 149 -11.83 0.49 13.78
CA VAL A 149 -11.84 1.75 12.98
C VAL A 149 -13.19 2.41 13.21
N ILE A 150 -13.21 3.64 13.74
CA ILE A 150 -14.48 4.27 14.15
C ILE A 150 -15.25 4.68 12.88
N PRO A 151 -16.56 4.92 12.98
CA PRO A 151 -17.35 5.37 11.84
C PRO A 151 -16.91 6.71 11.24
N LYS A 152 -16.60 7.70 12.07
CA LYS A 152 -16.29 9.04 11.52
C LYS A 152 -14.97 9.01 10.76
N GLN A 153 -14.99 9.59 9.57
CA GLN A 153 -13.77 9.65 8.75
C GLN A 153 -13.82 11.02 8.08
N LEU A 154 -12.72 11.35 7.42
CA LEU A 154 -12.61 12.69 6.81
C LEU A 154 -11.67 12.64 5.63
N VAL A 155 -12.03 13.40 4.58
CA VAL A 155 -11.08 13.75 3.50
C VAL A 155 -10.84 15.25 3.54
N LEU A 156 -9.59 15.65 3.49
CA LEU A 156 -9.25 17.09 3.30
C LEU A 156 -8.67 17.26 1.91
N ASP A 157 -9.26 18.19 1.14
CA ASP A 157 -8.80 18.62 -0.19
C ASP A 157 -7.86 19.83 -0.05
N PRO A 158 -7.19 20.23 -1.15
CA PRO A 158 -6.22 21.31 -1.08
C PRO A 158 -6.80 22.59 -0.47
N HIS A 159 -8.06 22.91 -0.71
CA HIS A 159 -8.63 24.18 -0.19
C HIS A 159 -8.69 24.15 1.35
N CYS A 160 -8.49 23.01 2.02
CA CYS A 160 -8.60 22.87 3.49
C CYS A 160 -7.28 23.28 4.13
N PHE A 161 -6.28 23.53 3.32
CA PHE A 161 -4.93 23.93 3.77
C PHE A 161 -4.62 25.37 3.34
N ASP A 162 -4.00 26.12 4.24
CA ASP A 162 -3.29 27.37 3.86
C ASP A 162 -1.83 26.98 3.78
N ARG A 163 -1.37 26.49 2.63
CA ARG A 163 -0.01 25.95 2.57
C ARG A 163 1.06 27.00 2.79
N GLU A 164 0.80 28.23 2.33
CA GLU A 164 1.77 29.35 2.49
C GLU A 164 2.09 29.56 3.96
N ASN A 165 1.11 29.35 4.84
CA ASN A 165 1.29 29.60 6.30
C ASN A 165 1.35 28.26 7.05
N TYR A 166 1.51 27.16 6.33
CA TYR A 166 1.68 25.81 6.92
C TYR A 166 0.63 25.55 8.00
N THR A 167 -0.63 25.76 7.65
CA THR A 167 -1.74 25.55 8.57
C THR A 167 -2.96 24.98 7.86
N LEU A 168 -3.84 24.37 8.65
CA LEU A 168 -5.22 24.10 8.19
C LEU A 168 -6.08 25.38 8.26
N THR A 169 -7.17 25.43 7.49
CA THR A 169 -8.19 26.50 7.63
C THR A 169 -8.96 26.27 8.95
N ASP A 170 -9.58 27.31 9.51
CA ASP A 170 -10.38 27.13 10.73
C ASP A 170 -11.45 26.07 10.53
N ASP A 171 -12.10 26.01 9.35
CA ASP A 171 -13.18 25.04 9.08
C ASP A 171 -12.58 23.63 9.19
N SER A 172 -11.41 23.45 8.60
CA SER A 172 -10.71 22.15 8.57
C SER A 172 -10.31 21.75 9.96
N LYS A 173 -9.86 22.72 10.77
CA LYS A 173 -9.52 22.38 12.17
C LYS A 173 -10.73 21.85 12.92
N LEU A 174 -11.93 22.39 12.71
CA LEU A 174 -13.18 21.94 13.37
C LEU A 174 -13.48 20.51 12.88
N LEU A 175 -13.28 20.24 11.60
CA LEU A 175 -13.60 18.90 11.05
C LEU A 175 -12.67 17.88 11.70
N VAL A 176 -11.37 18.20 11.77
CA VAL A 176 -10.37 17.31 12.41
C VAL A 176 -10.77 17.12 13.87
N LYS A 177 -11.15 18.17 14.57
CA LYS A 177 -11.56 18.01 15.97
C LYS A 177 -12.74 17.04 16.06
N GLY A 178 -13.68 17.07 15.11
CA GLY A 178 -14.83 16.14 15.13
C GLY A 178 -14.35 14.70 15.14
N VAL A 179 -13.36 14.37 14.33
CA VAL A 179 -12.80 12.99 14.28
C VAL A 179 -12.21 12.68 15.65
N ILE A 180 -11.40 13.59 16.19
CA ILE A 180 -10.69 13.37 17.48
C ILE A 180 -11.75 13.17 18.58
N ASP A 181 -12.78 14.00 18.59
CA ASP A 181 -13.85 13.92 19.64
C ASP A 181 -14.53 12.56 19.59
N GLU A 182 -14.81 12.02 18.39
CA GLU A 182 -15.43 10.67 18.30
C GLU A 182 -14.41 9.63 18.78
N LEU A 183 -13.17 9.79 18.40
CA LEU A 183 -12.12 8.83 18.80
C LEU A 183 -12.03 8.82 20.34
N LYS A 184 -12.12 9.97 21.00
CA LYS A 184 -12.10 10.06 22.49
C LYS A 184 -13.29 9.29 23.08
N LEU A 185 -14.45 9.37 22.45
CA LEU A 185 -15.66 8.63 22.93
C LEU A 185 -15.40 7.11 22.81
N TYR A 186 -14.84 6.67 21.69
CA TYR A 186 -14.55 5.23 21.50
C TYR A 186 -13.46 4.80 22.49
N TYR A 187 -12.45 5.63 22.72
CA TYR A 187 -11.42 5.37 23.76
C TYR A 187 -12.12 5.10 25.09
N LYS A 188 -13.04 5.98 25.47
CA LYS A 188 -13.75 5.87 26.78
C LYS A 188 -14.56 4.59 26.84
N MET A 189 -15.25 4.23 25.76
CA MET A 189 -16.00 2.97 25.68
C MET A 189 -15.06 1.77 25.83
N HIS A 190 -13.88 1.79 25.19
CA HIS A 190 -12.91 0.65 25.26
C HIS A 190 -12.35 0.55 26.69
N GLN A 191 -12.33 1.64 27.45
CA GLN A 191 -11.85 1.57 28.86
C GLN A 191 -12.73 0.65 29.71
N TYR A 192 -13.91 0.21 29.24
CA TYR A 192 -14.58 -1.02 29.74
C TYR A 192 -13.57 -2.18 29.69
N HIS B 20 5.05 -12.46 -28.92
CA HIS B 20 4.70 -11.11 -29.46
C HIS B 20 4.41 -10.15 -28.31
N MET B 21 3.54 -10.58 -27.40
CA MET B 21 3.21 -9.79 -26.19
C MET B 21 4.46 -9.66 -25.32
N GLN B 22 4.90 -8.44 -25.08
CA GLN B 22 6.02 -8.10 -24.17
C GLN B 22 5.47 -8.01 -22.74
N LEU B 23 5.64 -9.08 -21.98
CA LEU B 23 5.01 -9.25 -20.64
C LEU B 23 6.01 -8.82 -19.56
N VAL B 24 5.55 -8.04 -18.59
CA VAL B 24 6.36 -7.70 -17.38
C VAL B 24 5.61 -8.27 -16.17
N VAL B 25 6.31 -8.92 -15.27
CA VAL B 25 5.73 -9.44 -14.01
C VAL B 25 6.43 -8.72 -12.84
N ILE B 26 5.64 -8.15 -11.94
CA ILE B 26 6.20 -7.50 -10.74
C ILE B 26 5.99 -8.47 -9.59
N ASN B 27 7.09 -8.82 -8.95
CA ASN B 27 7.07 -9.60 -7.70
C ASN B 27 6.81 -8.63 -6.55
N GLY B 28 5.59 -8.61 -6.02
CA GLY B 28 5.20 -7.67 -4.95
C GLY B 28 5.71 -8.04 -3.56
N SER B 29 6.23 -9.25 -3.33
CA SER B 29 6.73 -9.59 -1.99
C SER B 29 8.16 -9.09 -1.78
N PRO B 30 8.44 -8.34 -0.69
CA PRO B 30 9.80 -7.96 -0.38
C PRO B 30 10.63 -9.08 0.27
N ARG B 31 9.99 -10.20 0.62
CA ARG B 31 10.67 -11.32 1.35
C ARG B 31 11.50 -12.15 0.36
N LYS B 32 12.80 -12.19 0.58
CA LYS B 32 13.70 -12.97 -0.33
C LYS B 32 13.26 -14.43 -0.32
N SER B 33 12.81 -14.97 0.81
CA SER B 33 12.44 -16.41 0.88
C SER B 33 10.93 -16.63 0.78
N GLY B 34 10.16 -15.63 0.36
CA GLY B 34 8.68 -15.73 0.33
C GLY B 34 8.15 -16.56 -0.81
N ARG B 35 6.85 -16.81 -0.77
CA ARG B 35 6.12 -17.63 -1.77
C ARG B 35 5.90 -16.84 -3.07
N THR B 36 5.55 -15.56 -2.99
CA THR B 36 5.19 -14.80 -4.22
C THR B 36 6.36 -14.87 -5.23
N ARG B 37 7.59 -14.86 -4.75
CA ARG B 37 8.78 -14.90 -5.66
C ARG B 37 8.78 -16.18 -6.50
N ILE B 38 8.34 -17.31 -5.93
CA ILE B 38 8.22 -18.57 -6.73
C ILE B 38 7.27 -18.31 -7.92
N LEU B 39 6.12 -17.72 -7.64
CA LEU B 39 5.12 -17.39 -8.68
C LEU B 39 5.74 -16.46 -9.74
N ALA B 40 6.31 -15.34 -9.32
CA ALA B 40 6.84 -14.30 -10.24
C ALA B 40 7.97 -14.92 -11.07
N THR B 41 8.86 -15.72 -10.46
CA THR B 41 9.95 -16.34 -11.24
C THR B 41 9.40 -17.44 -12.16
N PHE B 42 8.32 -18.16 -11.80
CA PHE B 42 7.62 -19.08 -12.74
C PHE B 42 7.16 -18.30 -13.97
N ILE B 43 6.55 -17.13 -13.79
CA ILE B 43 6.02 -16.36 -14.92
C ILE B 43 7.19 -15.89 -15.78
N GLU B 44 8.23 -15.34 -15.15
CA GLU B 44 9.47 -14.93 -15.84
C GLU B 44 9.95 -16.05 -16.75
N LYS B 45 10.17 -17.23 -16.18
CA LYS B 45 10.84 -18.35 -16.91
C LYS B 45 9.90 -18.98 -17.95
N GLU B 46 8.63 -19.21 -17.58
CA GLU B 46 7.69 -19.98 -18.43
C GLU B 46 7.08 -19.10 -19.53
N PHE B 47 6.92 -17.80 -19.34
CA PHE B 47 6.22 -16.94 -20.32
C PHE B 47 7.17 -15.87 -20.85
N ASN B 48 8.48 -16.06 -20.62
CA ASN B 48 9.49 -15.14 -21.18
C ASN B 48 9.15 -13.72 -20.73
N ALA B 49 8.84 -13.54 -19.46
CA ALA B 49 8.47 -12.20 -18.93
C ALA B 49 9.68 -11.53 -18.29
N LYS B 50 9.74 -10.21 -18.35
CA LYS B 50 10.74 -9.37 -17.63
C LYS B 50 10.23 -9.26 -16.21
N ILE B 51 11.07 -9.63 -15.24
CA ILE B 51 10.67 -9.57 -13.80
C ILE B 51 11.14 -8.23 -13.22
N ILE B 52 10.29 -7.67 -12.37
CA ILE B 52 10.66 -6.61 -11.43
C ILE B 52 10.56 -7.22 -10.03
N ASP B 53 11.72 -7.51 -9.44
CA ASP B 53 11.77 -8.36 -8.24
C ASP B 53 11.97 -7.46 -7.04
N LEU B 54 10.89 -7.10 -6.35
CA LEU B 54 11.01 -6.12 -5.26
C LEU B 54 11.79 -6.72 -4.08
N SER B 55 12.00 -8.05 -4.02
CA SER B 55 12.83 -8.63 -2.92
C SER B 55 14.29 -8.16 -3.08
N GLU B 56 14.69 -7.64 -4.24
CA GLU B 56 16.06 -7.12 -4.44
C GLU B 56 16.28 -5.79 -3.72
N GLU B 57 15.24 -5.04 -3.32
CA GLU B 57 15.39 -3.77 -2.55
C GLU B 57 16.32 -2.78 -3.30
N THR B 58 16.27 -2.75 -4.60
CA THR B 58 17.00 -1.74 -5.45
C THR B 58 16.15 -0.48 -5.61
N LEU B 59 14.85 -0.57 -5.37
CA LEU B 59 13.98 0.65 -5.41
C LEU B 59 13.86 1.16 -4.00
N PRO B 60 14.08 2.47 -3.78
CA PRO B 60 13.94 3.08 -2.47
C PRO B 60 12.47 3.41 -2.15
N LEU B 61 12.22 3.80 -0.91
CA LEU B 61 10.95 4.42 -0.53
C LEU B 61 10.74 5.64 -1.43
N TYR B 62 9.59 5.71 -2.07
CA TYR B 62 9.15 6.94 -2.77
C TYR B 62 9.11 8.12 -1.79
N ASN B 63 9.60 9.31 -2.19
CA ASN B 63 9.50 10.54 -1.37
C ASN B 63 9.16 11.78 -2.20
N GLY B 64 8.82 11.58 -3.47
CA GLY B 64 8.31 12.65 -4.33
C GLY B 64 9.38 13.65 -4.74
N GLU B 65 10.63 13.48 -4.29
CA GLU B 65 11.72 14.44 -4.64
C GLU B 65 12.24 14.20 -6.06
N GLU B 66 12.60 15.28 -6.76
CA GLU B 66 13.09 15.20 -8.16
C GLU B 66 14.26 14.25 -8.35
N TYR B 67 15.23 14.20 -7.43
CA TYR B 67 16.46 13.39 -7.62
C TYR B 67 16.07 11.93 -7.84
N GLN B 68 14.95 11.48 -7.28
CA GLN B 68 14.60 10.04 -7.40
C GLN B 68 14.44 9.67 -8.87
N GLY B 69 13.93 10.59 -9.71
CA GLY B 69 13.72 10.36 -11.15
C GLY B 69 15.03 10.11 -11.89
N GLU B 70 16.17 10.48 -11.28
CA GLU B 70 17.50 10.24 -11.89
C GLU B 70 18.06 8.89 -11.46
N LEU B 71 17.49 8.23 -10.43
CA LEU B 71 18.09 6.96 -9.94
C LEU B 71 17.97 5.89 -11.01
N GLU B 72 19.02 5.11 -11.27
CA GLU B 72 19.00 4.12 -12.37
C GLU B 72 17.81 3.17 -12.21
N HIS B 73 17.54 2.70 -10.99
CA HIS B 73 16.48 1.70 -10.76
C HIS B 73 15.08 2.33 -10.90
N VAL B 74 14.90 3.59 -10.53
CA VAL B 74 13.59 4.27 -10.72
C VAL B 74 13.33 4.45 -12.24
N ARG B 75 14.33 4.92 -12.99
CA ARG B 75 14.20 5.05 -14.46
C ARG B 75 13.92 3.67 -15.08
N ALA B 76 14.61 2.62 -14.66
CA ALA B 76 14.43 1.26 -15.22
C ALA B 76 13.00 0.79 -14.92
N LEU B 77 12.49 1.04 -13.71
CA LEU B 77 11.10 0.67 -13.35
C LEU B 77 10.15 1.35 -14.33
N ARG B 78 10.31 2.65 -14.49
CA ARG B 78 9.36 3.47 -15.31
C ARG B 78 9.43 3.00 -16.77
N ASP B 79 10.64 2.86 -17.30
CA ASP B 79 10.88 2.43 -18.70
C ASP B 79 10.30 1.03 -18.91
N THR B 80 10.57 0.08 -18.02
CA THR B 80 10.18 -1.34 -18.18
C THR B 80 8.64 -1.39 -18.21
N VAL B 81 7.98 -0.68 -17.31
CA VAL B 81 6.50 -0.77 -17.25
C VAL B 81 5.91 -0.02 -18.45
N LYS B 82 6.41 1.15 -18.79
CA LYS B 82 5.91 1.87 -19.97
C LYS B 82 5.99 0.97 -21.22
N LYS B 83 7.13 0.31 -21.44
CA LYS B 83 7.34 -0.48 -22.68
C LYS B 83 6.52 -1.77 -22.71
N ALA B 84 6.04 -2.26 -21.57
CA ALA B 84 5.36 -3.55 -21.49
C ALA B 84 4.06 -3.47 -22.30
N ASP B 85 3.72 -4.54 -22.98
CA ASP B 85 2.41 -4.67 -23.67
C ASP B 85 1.33 -5.02 -22.63
N ALA B 86 1.74 -5.70 -21.58
CA ALA B 86 0.87 -6.22 -20.52
C ALA B 86 1.69 -6.39 -19.25
N VAL B 87 1.03 -6.29 -18.09
CA VAL B 87 1.72 -6.45 -16.79
C VAL B 87 0.93 -7.46 -15.97
N ILE B 88 1.61 -8.38 -15.32
CA ILE B 88 1.04 -9.15 -14.19
C ILE B 88 1.55 -8.48 -12.91
N LEU B 89 0.62 -8.00 -12.07
CA LEU B 89 0.96 -7.57 -10.71
C LEU B 89 0.74 -8.75 -9.77
N THR B 90 1.80 -9.25 -9.16
CA THR B 90 1.72 -10.24 -8.08
C THR B 90 1.92 -9.49 -6.77
N SER B 91 1.18 -9.92 -5.74
CA SER B 91 1.44 -9.42 -4.39
C SER B 91 1.02 -10.48 -3.41
N PRO B 92 1.72 -10.55 -2.27
CA PRO B 92 1.16 -11.28 -1.14
C PRO B 92 0.05 -10.40 -0.59
N GLU B 93 -0.93 -10.99 0.09
CA GLU B 93 -1.79 -10.18 0.98
C GLU B 93 -1.09 -9.97 2.32
N TYR B 94 -0.79 -8.74 2.64
CA TYR B 94 -0.28 -8.30 3.94
C TYR B 94 -1.37 -7.42 4.58
N HIS B 95 -1.93 -7.91 5.69
CA HIS B 95 -2.99 -7.17 6.43
C HIS B 95 -4.10 -6.72 5.46
N SER B 96 -4.62 -7.62 4.64
CA SER B 96 -5.84 -7.35 3.84
C SER B 96 -5.56 -6.23 2.84
N GLY B 97 -4.34 -6.12 2.36
CA GLY B 97 -4.05 -5.22 1.22
C GLY B 97 -2.87 -5.75 0.45
N MET B 98 -2.50 -5.11 -0.65
CA MET B 98 -1.25 -5.47 -1.32
C MET B 98 -0.09 -5.09 -0.38
N SER B 99 1.09 -5.63 -0.65
CA SER B 99 2.29 -5.25 0.12
C SER B 99 2.56 -3.75 0.06
N GLY B 100 3.14 -3.24 1.15
CA GLY B 100 3.73 -1.89 1.15
C GLY B 100 4.79 -1.81 0.06
N ALA B 101 5.53 -2.90 -0.18
CA ALA B 101 6.61 -2.87 -1.20
C ALA B 101 5.96 -2.57 -2.56
N LEU B 102 4.90 -3.31 -2.90
CA LEU B 102 4.28 -3.13 -4.25
C LEU B 102 3.66 -1.74 -4.37
N LYS B 103 2.98 -1.29 -3.33
CA LYS B 103 2.35 0.03 -3.39
C LYS B 103 3.43 1.09 -3.53
N ASN B 104 4.53 0.97 -2.80
CA ASN B 104 5.65 1.91 -2.94
C ASN B 104 6.13 1.94 -4.39
N ALA B 105 6.31 0.78 -5.04
CA ALA B 105 6.76 0.75 -6.45
C ALA B 105 5.71 1.46 -7.33
N LEU B 106 4.44 1.23 -7.08
CA LEU B 106 3.36 1.84 -7.92
C LEU B 106 3.31 3.34 -7.70
N ASP B 107 3.74 3.85 -6.53
CA ASP B 107 3.75 5.30 -6.26
C ASP B 107 4.74 6.02 -7.18
N PHE B 108 5.74 5.31 -7.70
CA PHE B 108 6.66 5.87 -8.73
C PHE B 108 6.01 5.97 -10.10
N LEU B 109 4.95 5.21 -10.34
CA LEU B 109 4.36 5.05 -11.67
C LEU B 109 3.08 5.86 -11.75
N SER B 110 2.46 5.81 -12.91
CA SER B 110 1.29 6.66 -13.18
C SER B 110 0.58 6.17 -14.43
N ASN B 111 -0.42 6.93 -14.83
CA ASN B 111 -1.13 6.63 -16.10
C ASN B 111 -0.16 6.79 -17.28
N GLU B 112 0.97 7.46 -17.07
CA GLU B 112 1.97 7.61 -18.16
C GLU B 112 2.50 6.22 -18.56
N GLN B 113 2.61 5.29 -17.61
CA GLN B 113 3.09 3.94 -17.94
C GLN B 113 1.94 2.93 -18.06
N PHE B 114 0.76 3.18 -17.51
CA PHE B 114 -0.30 2.16 -17.40
C PHE B 114 -1.55 2.44 -18.24
N ALA B 115 -1.76 3.63 -18.78
CA ALA B 115 -3.09 3.95 -19.35
C ALA B 115 -3.48 2.90 -20.41
N HIS B 116 -4.63 2.27 -20.20
CA HIS B 116 -5.27 1.26 -21.09
C HIS B 116 -4.39 0.02 -21.28
N LYS B 117 -3.36 -0.15 -20.46
CA LYS B 117 -2.52 -1.35 -20.55
C LYS B 117 -3.29 -2.51 -19.90
N PRO B 118 -3.38 -3.68 -20.56
CA PRO B 118 -3.92 -4.88 -19.91
C PRO B 118 -3.07 -5.27 -18.71
N VAL B 119 -3.75 -5.45 -17.58
CA VAL B 119 -3.11 -5.84 -16.31
C VAL B 119 -3.87 -7.02 -15.73
N GLY B 120 -3.13 -8.03 -15.32
CA GLY B 120 -3.68 -9.19 -14.62
C GLY B 120 -3.18 -9.24 -13.20
N LEU B 121 -4.08 -9.59 -12.28
CA LEU B 121 -3.76 -9.62 -10.84
C LEU B 121 -3.69 -11.05 -10.31
N ILE B 122 -2.63 -11.32 -9.59
CA ILE B 122 -2.48 -12.60 -8.82
C ILE B 122 -2.03 -12.26 -7.42
N ALA B 123 -2.80 -12.69 -6.42
CA ALA B 123 -2.47 -12.52 -5.00
C ALA B 123 -2.02 -13.84 -4.42
N VAL B 124 -1.10 -13.75 -3.49
CA VAL B 124 -0.62 -14.92 -2.71
C VAL B 124 -1.05 -14.73 -1.27
N ALA B 125 -1.79 -15.73 -0.75
CA ALA B 125 -2.51 -15.61 0.54
C ALA B 125 -2.04 -16.73 1.46
N GLY B 126 -2.52 -16.64 2.70
CA GLY B 126 -2.07 -17.55 3.77
C GLY B 126 -3.04 -18.70 3.98
N GLY B 127 -4.02 -18.85 3.10
CA GLY B 127 -5.11 -19.83 3.16
C GLY B 127 -6.42 -19.18 3.52
N GLY B 128 -7.37 -19.97 4.01
CA GLY B 128 -8.73 -19.54 4.31
C GLY B 128 -9.27 -18.67 3.20
N LYS B 129 -9.77 -17.49 3.60
CA LYS B 129 -10.39 -16.56 2.62
C LYS B 129 -9.42 -15.45 2.24
N GLY B 130 -8.14 -15.57 2.62
CA GLY B 130 -7.15 -14.52 2.29
C GLY B 130 -7.01 -14.29 0.81
N GLY B 131 -6.70 -13.05 0.42
CA GLY B 131 -6.24 -12.74 -0.95
C GLY B 131 -7.18 -11.79 -1.68
N ILE B 132 -8.47 -11.86 -1.40
CA ILE B 132 -9.52 -11.05 -2.09
C ILE B 132 -9.33 -9.58 -1.71
N ASN B 133 -9.01 -9.25 -0.46
CA ASN B 133 -8.75 -7.84 -0.06
C ASN B 133 -7.55 -7.28 -0.84
N ALA B 134 -6.47 -8.04 -0.97
CA ALA B 134 -5.30 -7.63 -1.78
C ALA B 134 -5.75 -7.43 -3.22
N LEU B 135 -6.53 -8.37 -3.78
CA LEU B 135 -6.98 -8.24 -5.19
C LEU B 135 -7.84 -6.97 -5.38
N THR B 136 -8.70 -6.63 -4.41
CA THR B 136 -9.56 -5.43 -4.53
C THR B 136 -8.70 -4.17 -4.48
N ASN B 137 -7.74 -4.11 -3.57
CA ASN B 137 -6.76 -3.01 -3.42
C ASN B 137 -6.00 -2.85 -4.76
N MET B 138 -5.53 -3.95 -5.32
CA MET B 138 -4.77 -3.93 -6.58
C MET B 138 -5.68 -3.46 -7.74
N ARG B 139 -6.93 -3.91 -7.79
CA ARG B 139 -7.84 -3.53 -8.88
C ARG B 139 -8.16 -2.02 -8.75
N THR B 140 -8.36 -1.54 -7.54
CA THR B 140 -8.71 -0.14 -7.28
C THR B 140 -7.53 0.76 -7.68
N VAL B 141 -6.33 0.40 -7.21
CA VAL B 141 -5.13 1.18 -7.58
C VAL B 141 -4.86 1.05 -9.08
N GLY B 142 -5.05 -0.13 -9.66
CA GLY B 142 -4.88 -0.37 -11.11
C GLY B 142 -5.74 0.57 -11.90
N ARG B 143 -7.01 0.70 -11.54
CA ARG B 143 -7.91 1.65 -12.24
C ARG B 143 -7.45 3.08 -11.99
N GLY B 144 -6.88 3.34 -10.82
CA GLY B 144 -6.34 4.65 -10.43
C GLY B 144 -5.20 5.11 -11.36
N VAL B 145 -4.42 4.18 -11.89
CA VAL B 145 -3.38 4.55 -12.89
C VAL B 145 -3.94 4.30 -14.30
N TYR B 146 -5.23 4.03 -14.42
CA TYR B 146 -6.00 3.92 -15.70
C TYR B 146 -5.61 2.67 -16.51
N ALA B 147 -5.07 1.66 -15.83
CA ALA B 147 -4.86 0.33 -16.45
C ALA B 147 -6.22 -0.27 -16.79
N ASN B 148 -6.18 -1.14 -17.79
CA ASN B 148 -7.32 -2.04 -18.07
C ASN B 148 -7.08 -3.34 -17.32
N VAL B 149 -7.55 -3.38 -16.07
CA VAL B 149 -7.40 -4.58 -15.22
C VAL B 149 -8.40 -5.64 -15.69
N ILE B 150 -7.92 -6.77 -16.23
CA ILE B 150 -8.81 -7.75 -16.88
C ILE B 150 -9.70 -8.42 -15.83
N PRO B 151 -10.83 -9.03 -16.23
CA PRO B 151 -11.66 -9.76 -15.30
C PRO B 151 -10.99 -10.91 -14.56
N LYS B 152 -10.20 -11.71 -15.25
CA LYS B 152 -9.69 -12.95 -14.64
C LYS B 152 -8.66 -12.55 -13.59
N GLN B 153 -8.78 -13.15 -12.43
CA GLN B 153 -7.83 -12.91 -11.33
C GLN B 153 -7.66 -14.22 -10.58
N LEU B 154 -6.69 -14.25 -9.70
CA LEU B 154 -6.28 -15.52 -9.06
C LEU B 154 -5.72 -15.24 -7.67
N VAL B 155 -6.07 -16.10 -6.71
CA VAL B 155 -5.38 -16.19 -5.41
C VAL B 155 -4.72 -17.57 -5.33
N LEU B 156 -3.46 -17.57 -4.94
CA LEU B 156 -2.72 -18.82 -4.67
C LEU B 156 -2.46 -18.91 -3.17
N ASP B 157 -2.95 -19.98 -2.56
CA ASP B 157 -2.73 -20.35 -1.14
C ASP B 157 -1.48 -21.22 -1.04
N PRO B 158 -0.99 -21.44 0.19
CA PRO B 158 0.29 -22.11 0.41
C PRO B 158 0.32 -23.49 -0.26
N HIS B 159 -0.81 -24.17 -0.38
CA HIS B 159 -0.86 -25.55 -0.96
C HIS B 159 -0.55 -25.51 -2.46
N CYS B 160 -0.56 -24.33 -3.09
CA CYS B 160 -0.25 -24.13 -4.51
C CYS B 160 1.25 -24.15 -4.75
N PHE B 161 2.06 -24.16 -3.68
CA PHE B 161 3.51 -24.00 -3.77
C PHE B 161 4.19 -25.26 -3.22
N ASP B 162 5.22 -25.70 -3.92
CA ASP B 162 6.18 -26.65 -3.31
C ASP B 162 7.42 -25.85 -2.95
N ARG B 163 7.46 -25.37 -1.72
CA ARG B 163 8.58 -24.50 -1.32
C ARG B 163 9.87 -25.32 -1.24
N GLU B 164 9.78 -26.60 -0.90
CA GLU B 164 10.99 -27.46 -0.81
C GLU B 164 11.70 -27.48 -2.17
N ASN B 165 10.99 -27.50 -3.29
CA ASN B 165 11.60 -27.56 -4.66
C ASN B 165 11.50 -26.23 -5.37
N TYR B 166 11.06 -25.17 -4.71
CA TYR B 166 10.93 -23.81 -5.28
C TYR B 166 10.08 -23.80 -6.57
N THR B 167 8.91 -24.37 -6.53
CA THR B 167 8.04 -24.45 -7.72
C THR B 167 6.57 -24.30 -7.33
N LEU B 168 5.74 -24.05 -8.34
CA LEU B 168 4.27 -24.19 -8.25
C LEU B 168 3.89 -25.66 -8.50
N THR B 169 2.79 -26.07 -7.90
CA THR B 169 2.16 -27.37 -8.25
C THR B 169 1.70 -27.32 -9.71
N ASP B 170 1.52 -28.49 -10.32
CA ASP B 170 1.02 -28.54 -11.71
C ASP B 170 -0.32 -27.81 -11.83
N ASP B 171 -1.22 -28.00 -10.86
CA ASP B 171 -2.56 -27.36 -10.91
C ASP B 171 -2.37 -25.84 -10.90
N SER B 172 -1.44 -25.34 -10.11
CA SER B 172 -1.25 -23.87 -9.95
C SER B 172 -0.62 -23.32 -11.22
N LYS B 173 0.30 -24.06 -11.87
CA LYS B 173 0.84 -23.59 -13.15
C LYS B 173 -0.29 -23.40 -14.17
N LEU B 174 -1.26 -24.31 -14.22
CA LEU B 174 -2.40 -24.24 -15.16
C LEU B 174 -3.27 -23.01 -14.81
N LEU B 175 -3.50 -22.72 -13.53
CA LEU B 175 -4.33 -21.55 -13.12
C LEU B 175 -3.63 -20.26 -13.55
N VAL B 176 -2.31 -20.21 -13.38
CA VAL B 176 -1.48 -19.05 -13.79
C VAL B 176 -1.56 -18.89 -15.30
N LYS B 177 -1.37 -19.99 -16.04
CA LYS B 177 -1.49 -19.93 -17.50
C LYS B 177 -2.86 -19.36 -17.89
N GLY B 178 -3.93 -19.66 -17.17
CA GLY B 178 -5.26 -19.15 -17.52
C GLY B 178 -5.28 -17.64 -17.45
N VAL B 179 -4.58 -17.05 -16.46
CA VAL B 179 -4.54 -15.57 -16.34
C VAL B 179 -3.78 -15.02 -17.53
N ILE B 180 -2.64 -15.63 -17.86
CA ILE B 180 -1.79 -15.14 -18.98
C ILE B 180 -2.57 -15.25 -20.30
N ASP B 181 -3.28 -16.34 -20.51
CA ASP B 181 -4.06 -16.55 -21.74
C ASP B 181 -5.09 -15.42 -21.89
N GLU B 182 -5.84 -15.11 -20.82
CA GLU B 182 -6.81 -14.00 -20.93
C GLU B 182 -6.09 -12.70 -21.19
N LEU B 183 -4.98 -12.46 -20.51
CA LEU B 183 -4.19 -11.24 -20.67
C LEU B 183 -3.73 -11.13 -22.12
N LYS B 184 -3.31 -12.24 -22.74
CA LYS B 184 -2.95 -12.21 -24.18
C LYS B 184 -4.15 -11.80 -25.05
N LEU B 185 -5.36 -12.27 -24.72
CA LEU B 185 -6.57 -11.92 -25.51
C LEU B 185 -6.81 -10.42 -25.39
N TYR B 186 -6.66 -9.87 -24.18
CA TYR B 186 -6.83 -8.41 -23.97
C TYR B 186 -5.72 -7.63 -24.68
N TYR B 187 -4.49 -8.14 -24.67
CA TYR B 187 -3.41 -7.52 -25.47
C TYR B 187 -3.79 -7.46 -26.94
N LYS B 188 -4.28 -8.57 -27.50
CA LYS B 188 -4.71 -8.64 -28.92
C LYS B 188 -5.80 -7.61 -29.19
N MET B 189 -6.79 -7.49 -28.30
CA MET B 189 -7.88 -6.53 -28.52
C MET B 189 -7.32 -5.12 -28.50
N HIS B 190 -6.37 -4.80 -27.61
CA HIS B 190 -5.75 -3.45 -27.51
C HIS B 190 -4.93 -3.18 -28.79
N GLN B 191 -4.35 -4.20 -29.39
CA GLN B 191 -3.60 -4.03 -30.67
C GLN B 191 -4.56 -3.73 -31.82
N TYR B 192 -5.71 -4.41 -31.80
CA TYR B 192 -6.74 -4.39 -32.88
C TYR B 192 -7.34 -2.97 -32.97
#